data_6YNP
#
_entry.id   6YNP
#
_cell.length_a   39.620
_cell.length_b   103.290
_cell.length_c   42.300
_cell.angle_alpha   90.000
_cell.angle_beta   105.491
_cell.angle_gamma   90.000
#
_symmetry.space_group_name_H-M   'P 1 21 1'
#
loop_
_entity.id
_entity.type
_entity.pdbx_description
1 polymer YTHDC1
2 non-polymer ~{N}-methylpyridine-3-carboxamide
3 non-polymer 'SULFATE ION'
4 non-polymer 'CHLORIDE ION'
5 water water
#
_entity_poly.entity_id   1
_entity_poly.type   'polypeptide(L)'
_entity_poly.pdbx_seq_one_letter_code
;MHHHHHHSSGRENLYFQGTSKLKYVLQDARFFLIKSNNHENVSLAKAKGVWSTLPVNEKKLNLAFRSARSVILIFSVRES
GKFQGFARLSSESHHGGSPIHWVLPAGMSAKMLGGVFKIDWICRRELPFTKSAHLTNPWNEHKPVKIGRDGQEIELECGT
QLCLLFPPDESIDLYQVIHKMRH
;
_entity_poly.pdbx_strand_id   A,B
#
loop_
_chem_comp.id
_chem_comp.type
_chem_comp.name
_chem_comp.formula
CL non-polymer 'CHLORIDE ION' 'Cl -1'
PJH non-polymer ~{N}-methylpyridine-3-carboxamide 'C7 H8 N2 O'
SO4 non-polymer 'SULFATE ION' 'O4 S -2'
#
# COMPACT_ATOMS: atom_id res chain seq x y z
N GLY A 18 23.76 11.70 -2.88
CA GLY A 18 23.15 11.49 -1.56
C GLY A 18 21.66 11.76 -1.56
N THR A 19 21.03 11.56 -0.39
CA THR A 19 19.58 11.73 -0.28
C THR A 19 19.19 12.85 0.67
N SER A 20 20.15 13.59 1.23
CA SER A 20 19.83 14.53 2.29
C SER A 20 19.07 15.75 1.76
N LYS A 21 19.55 16.34 0.66
CA LYS A 21 18.80 17.48 0.14
C LYS A 21 17.41 17.06 -0.32
N LEU A 22 17.29 15.85 -0.88
CA LEU A 22 15.97 15.34 -1.27
C LEU A 22 15.05 15.24 -0.07
N LYS A 23 15.53 14.64 1.02
CA LYS A 23 14.72 14.56 2.23
C LYS A 23 14.33 15.95 2.73
N TYR A 24 15.25 16.92 2.62
CA TYR A 24 14.94 18.29 3.04
C TYR A 24 13.80 18.88 2.22
N VAL A 25 13.84 18.70 0.90
CA VAL A 25 12.78 19.22 0.04
C VAL A 25 11.44 18.57 0.38
N LEU A 26 11.45 17.28 0.72
CA LEU A 26 10.22 16.54 0.98
C LEU A 26 9.70 16.71 2.40
N GLN A 27 10.45 17.34 3.28
CA GLN A 27 10.04 17.47 4.67
C GLN A 27 8.73 18.25 4.76
N ASP A 28 7.72 17.67 5.40
CA ASP A 28 6.42 18.29 5.56
C ASP A 28 5.78 18.68 4.22
N ALA A 29 6.07 17.93 3.16
CA ALA A 29 5.48 18.18 1.87
C ALA A 29 4.08 17.58 1.78
N ARG A 30 3.34 18.00 0.77
CA ARG A 30 2.16 17.29 0.31
C ARG A 30 2.45 16.67 -1.05
N PHE A 31 1.74 15.58 -1.35
CA PHE A 31 2.02 14.75 -2.51
C PHE A 31 0.72 14.44 -3.24
N PHE A 32 0.76 14.50 -4.57
CA PHE A 32 -0.41 14.22 -5.39
C PHE A 32 -0.04 13.30 -6.53
N LEU A 33 -0.88 12.29 -6.76
CA LEU A 33 -0.73 11.40 -7.90
C LEU A 33 -1.30 12.08 -9.13
N ILE A 34 -0.49 12.21 -10.18
CA ILE A 34 -0.89 12.88 -11.39
C ILE A 34 -0.86 11.87 -12.51
N LYS A 35 -1.99 11.69 -13.17
CA LYS A 35 -2.10 10.75 -14.28
C LYS A 35 -2.00 11.48 -15.60
N SER A 36 -1.36 10.83 -16.56
CA SER A 36 -1.35 11.26 -17.94
C SER A 36 -1.88 10.12 -18.81
N ASN A 37 -2.71 10.47 -19.79
CA ASN A 37 -3.16 9.47 -20.75
C ASN A 37 -2.04 8.97 -21.64
N ASN A 38 -0.93 9.71 -21.74
CA ASN A 38 0.09 9.34 -22.71
C ASN A 38 1.46 9.83 -22.26
N HIS A 39 2.48 9.27 -22.91
CA HIS A 39 3.85 9.68 -22.61
C HIS A 39 4.14 11.08 -23.16
N GLU A 40 3.49 11.48 -24.25
CA GLU A 40 3.80 12.77 -24.85
C GLU A 40 3.64 13.91 -23.85
N ASN A 41 2.57 13.87 -23.05
CA ASN A 41 2.33 14.98 -22.13
C ASN A 41 3.38 15.01 -21.02
N VAL A 42 3.83 13.84 -20.57
CA VAL A 42 4.90 13.81 -19.57
C VAL A 42 6.20 14.31 -20.19
N SER A 43 6.46 13.96 -21.46
CA SER A 43 7.64 14.47 -22.13
C SER A 43 7.61 15.99 -22.23
N LEU A 44 6.44 16.55 -22.59
CA LEU A 44 6.30 18.00 -22.62
C LEU A 44 6.53 18.60 -21.25
N ALA A 45 5.96 17.99 -20.20
CA ALA A 45 6.10 18.50 -18.85
C ALA A 45 7.56 18.46 -18.41
N LYS A 46 8.28 17.41 -18.79
CA LYS A 46 9.69 17.29 -18.43
C LYS A 46 10.54 18.30 -19.18
N ALA A 47 10.17 18.60 -20.43
CA ALA A 47 10.96 19.53 -21.23
C ALA A 47 10.68 20.98 -20.84
N LYS A 48 9.42 21.33 -20.55
CA LYS A 48 9.01 22.71 -20.37
C LYS A 48 8.79 23.09 -18.91
N GLY A 49 8.78 22.13 -18.00
CA GLY A 49 8.58 22.46 -16.60
C GLY A 49 7.19 22.97 -16.29
N VAL A 50 6.16 22.31 -16.83
CA VAL A 50 4.78 22.76 -16.70
C VAL A 50 3.86 21.56 -16.58
N TRP A 51 2.72 21.79 -15.95
CA TRP A 51 1.60 20.85 -16.00
C TRP A 51 0.29 21.63 -16.01
N SER A 52 -0.73 21.04 -16.62
CA SER A 52 -2.08 21.60 -16.60
CA SER A 52 -2.07 21.59 -16.61
C SER A 52 -3.07 20.46 -16.37
N THR A 53 -4.07 20.71 -15.51
CA THR A 53 -5.04 19.69 -15.16
C THR A 53 -6.44 20.28 -15.22
N LEU A 54 -7.44 19.44 -14.96
CA LEU A 54 -8.81 19.89 -14.98
C LEU A 54 -9.08 20.82 -13.79
N PRO A 55 -10.06 21.73 -13.92
CA PRO A 55 -10.32 22.69 -12.83
C PRO A 55 -10.54 22.07 -11.46
N VAL A 56 -11.20 20.91 -11.38
CA VAL A 56 -11.43 20.30 -10.08
C VAL A 56 -10.11 20.04 -9.37
N ASN A 57 -9.08 19.62 -10.12
CA ASN A 57 -7.79 19.36 -9.51
C ASN A 57 -6.91 20.60 -9.44
N GLU A 58 -7.08 21.52 -10.38
CA GLU A 58 -6.37 22.79 -10.33
C GLU A 58 -6.66 23.50 -9.01
N LYS A 59 -7.94 23.53 -8.61
CA LYS A 59 -8.29 24.20 -7.36
C LYS A 59 -7.63 23.53 -6.17
N LYS A 60 -7.56 22.20 -6.17
CA LYS A 60 -6.93 21.49 -5.06
C LYS A 60 -5.42 21.78 -5.00
N LEU A 61 -4.76 21.81 -6.16
CA LEU A 61 -3.32 22.07 -6.17
C LEU A 61 -3.01 23.49 -5.75
N ASN A 62 -3.84 24.46 -6.15
CA ASN A 62 -3.63 25.83 -5.72
C ASN A 62 -3.78 25.96 -4.21
N LEU A 63 -4.81 25.34 -3.65
CA LEU A 63 -4.96 25.32 -2.19
C LEU A 63 -3.74 24.68 -1.54
N ALA A 64 -3.27 23.57 -2.09
CA ALA A 64 -2.13 22.88 -1.50
C ALA A 64 -0.87 23.71 -1.57
N PHE A 65 -0.66 24.41 -2.70
CA PHE A 65 0.55 25.21 -2.86
C PHE A 65 0.69 26.24 -1.75
N ARG A 66 -0.42 26.85 -1.34
CA ARG A 66 -0.40 27.85 -0.27
C ARG A 66 -0.25 27.24 1.11
N SER A 67 -0.46 25.93 1.25
CA SER A 67 -0.59 25.29 2.55
C SER A 67 0.69 24.62 3.03
N ALA A 68 1.66 24.38 2.16
CA ALA A 68 2.79 23.53 2.51
C ALA A 68 4.05 24.06 1.85
N ARG A 69 5.20 23.71 2.46
CA ARG A 69 6.47 24.22 1.96
C ARG A 69 6.85 23.62 0.61
N SER A 70 6.38 22.41 0.32
CA SER A 70 6.57 21.77 -0.98
C SER A 70 5.30 21.00 -1.32
N VAL A 71 4.89 21.08 -2.58
CA VAL A 71 3.83 20.24 -3.13
C VAL A 71 4.44 19.44 -4.26
N ILE A 72 4.37 18.12 -4.14
CA ILE A 72 5.06 17.21 -5.03
C ILE A 72 4.02 16.53 -5.91
N LEU A 73 4.24 16.57 -7.22
CA LEU A 73 3.44 15.84 -8.18
C LEU A 73 4.22 14.59 -8.58
N ILE A 74 3.59 13.42 -8.45
CA ILE A 74 4.19 12.15 -8.83
C ILE A 74 3.42 11.65 -10.04
N PHE A 75 4.13 11.49 -11.17
CA PHE A 75 3.50 11.28 -12.47
C PHE A 75 3.44 9.80 -12.83
N SER A 76 2.31 9.38 -13.39
CA SER A 76 2.19 8.04 -13.93
C SER A 76 1.36 8.05 -15.21
N VAL A 77 1.93 7.50 -16.28
CA VAL A 77 1.23 7.34 -17.54
C VAL A 77 0.32 6.13 -17.45
N ARG A 78 -0.96 6.34 -17.76
CA ARG A 78 -1.93 5.27 -17.64
C ARG A 78 -1.51 4.06 -18.48
N GLU A 79 -1.68 2.87 -17.90
CA GLU A 79 -1.35 1.58 -18.48
C GLU A 79 0.14 1.32 -18.62
N SER A 80 1.01 2.24 -18.17
CA SER A 80 2.45 2.02 -18.30
C SER A 80 3.01 1.10 -17.22
N GLY A 81 2.29 0.89 -16.12
CA GLY A 81 2.82 0.12 -15.01
C GLY A 81 3.94 0.79 -14.26
N LYS A 82 4.14 2.10 -14.44
CA LYS A 82 5.27 2.79 -13.83
C LYS A 82 4.87 4.21 -13.46
N PHE A 83 5.68 4.81 -12.57
CA PHE A 83 5.75 6.25 -12.41
C PHE A 83 6.90 6.78 -13.25
N GLN A 84 6.73 7.96 -13.83
CA GLN A 84 7.74 8.53 -14.72
C GLN A 84 8.60 9.60 -14.07
N GLY A 85 8.39 9.90 -12.80
CA GLY A 85 9.19 10.87 -12.09
C GLY A 85 8.34 11.72 -11.19
N PHE A 86 8.97 12.72 -10.56
CA PHE A 86 8.23 13.61 -9.69
C PHE A 86 8.86 14.99 -9.71
N ALA A 87 8.02 15.99 -9.40
CA ALA A 87 8.38 17.39 -9.52
C ALA A 87 7.68 18.16 -8.40
N ARG A 88 8.20 19.35 -8.15
CA ARG A 88 7.65 20.23 -7.12
C ARG A 88 6.99 21.43 -7.78
N LEU A 89 5.76 21.76 -7.35
CA LEU A 89 5.14 23.00 -7.83
C LEU A 89 6.01 24.19 -7.45
N SER A 90 6.25 25.07 -8.41
CA SER A 90 6.93 26.32 -8.12
C SER A 90 5.99 27.52 -8.15
N SER A 91 4.73 27.31 -8.53
CA SER A 91 3.79 28.41 -8.65
C SER A 91 2.37 27.85 -8.58
N GLU A 92 1.42 28.72 -8.23
CA GLU A 92 0.02 28.44 -8.50
C GLU A 92 -0.22 28.48 -10.01
N SER A 93 -1.40 28.04 -10.44
CA SER A 93 -1.68 28.03 -11.87
C SER A 93 -1.86 29.46 -12.40
N HIS A 94 -1.48 29.65 -13.66
CA HIS A 94 -1.66 30.93 -14.33
C HIS A 94 -2.13 30.69 -15.75
N HIS A 95 -2.78 31.70 -16.31
CA HIS A 95 -3.29 31.68 -17.66
C HIS A 95 -2.58 32.72 -18.51
N GLY A 96 -2.68 32.55 -19.82
CA GLY A 96 -2.16 33.53 -20.76
C GLY A 96 -0.70 33.39 -21.14
N GLY A 97 -0.06 32.29 -20.73
CA GLY A 97 1.33 32.05 -21.10
C GLY A 97 1.45 31.46 -22.50
N SER A 98 2.66 31.03 -22.81
CA SER A 98 2.90 30.37 -24.10
C SER A 98 2.07 29.10 -24.19
N PRO A 99 1.36 28.89 -25.28
CA PRO A 99 0.53 27.68 -25.40
C PRO A 99 1.36 26.42 -25.33
N ILE A 100 0.74 25.34 -24.84
CA ILE A 100 1.36 24.03 -24.76
C ILE A 100 0.51 23.08 -25.56
N HIS A 101 1.13 22.38 -26.51
CA HIS A 101 0.42 21.48 -27.40
C HIS A 101 0.27 20.09 -26.77
N TRP A 102 -0.45 20.06 -25.65
CA TRP A 102 -0.79 18.80 -25.01
C TRP A 102 -1.57 17.91 -25.97
N VAL A 103 -1.39 16.60 -25.80
CA VAL A 103 -2.21 15.60 -26.49
C VAL A 103 -3.33 15.22 -25.54
N LEU A 104 -4.53 15.66 -25.83
CA LEU A 104 -5.57 15.56 -24.83
C LEU A 104 -6.45 14.34 -25.10
N PRO A 105 -7.11 13.81 -24.08
CA PRO A 105 -7.95 12.62 -24.28
C PRO A 105 -9.02 12.87 -25.33
N ALA A 106 -9.41 11.79 -26.01
CA ALA A 106 -10.46 11.88 -27.02
C ALA A 106 -11.72 12.47 -26.39
N GLY A 107 -12.21 13.55 -26.99
CA GLY A 107 -13.36 14.26 -26.46
C GLY A 107 -13.03 15.39 -25.54
N MET A 108 -11.76 15.80 -25.44
CA MET A 108 -11.35 16.88 -24.57
C MET A 108 -10.63 17.95 -25.39
N SER A 109 -11.13 19.18 -25.33
CA SER A 109 -10.49 20.30 -25.98
C SER A 109 -9.58 21.02 -24.98
N ALA A 110 -8.69 21.84 -25.52
CA ALA A 110 -7.75 22.57 -24.68
C ALA A 110 -8.46 23.50 -23.70
N LYS A 111 -9.62 24.05 -24.10
CA LYS A 111 -10.34 24.97 -23.24
C LYS A 111 -10.87 24.31 -21.97
N MET A 112 -10.99 22.98 -21.96
CA MET A 112 -11.47 22.30 -20.76
C MET A 112 -10.43 22.25 -19.66
N LEU A 113 -9.15 22.49 -19.98
CA LEU A 113 -8.11 22.52 -18.96
C LEU A 113 -8.21 23.81 -18.15
N GLY A 114 -7.68 23.75 -16.93
CA GLY A 114 -7.43 24.94 -16.13
C GLY A 114 -6.15 25.62 -16.58
N GLY A 115 -5.56 26.38 -15.67
CA GLY A 115 -4.34 27.09 -15.95
C GLY A 115 -3.12 26.18 -15.97
N VAL A 116 -1.95 26.82 -16.07
CA VAL A 116 -0.67 26.15 -16.17
C VAL A 116 0.09 26.35 -14.87
N PHE A 117 0.57 25.25 -14.30
CA PHE A 117 1.46 25.27 -13.13
C PHE A 117 2.89 25.16 -13.61
N LYS A 118 3.77 25.99 -13.06
CA LYS A 118 5.19 25.78 -13.23
C LYS A 118 5.67 24.74 -12.23
N ILE A 119 6.54 23.85 -12.67
CA ILE A 119 7.08 22.78 -11.84
C ILE A 119 8.59 22.69 -12.03
N ASP A 120 9.25 22.26 -10.97
CA ASP A 120 10.68 21.97 -10.99
CA ASP A 120 10.68 21.98 -10.95
C ASP A 120 10.85 20.48 -10.78
N TRP A 121 11.44 19.83 -11.76
CA TRP A 121 11.62 18.40 -11.66
C TRP A 121 12.63 18.05 -10.57
N ILE A 122 12.30 17.02 -9.81
CA ILE A 122 13.19 16.50 -8.79
CA ILE A 122 13.17 16.49 -8.77
C ILE A 122 13.79 15.18 -9.25
N CYS A 123 13.00 14.41 -10.00
CA CYS A 123 13.50 13.15 -10.53
C CYS A 123 12.79 12.89 -11.85
N ARG A 124 13.55 12.72 -12.92
CA ARG A 124 13.02 12.37 -14.23
CA ARG A 124 12.98 12.35 -14.21
C ARG A 124 13.16 10.88 -14.52
N ARG A 125 13.61 10.09 -13.55
CA ARG A 125 13.76 8.64 -13.71
C ARG A 125 12.44 7.95 -13.38
N GLU A 126 12.25 6.76 -13.94
CA GLU A 126 11.05 5.97 -13.76
CA GLU A 126 11.03 6.01 -13.73
C GLU A 126 11.17 5.04 -12.56
N LEU A 127 10.02 4.60 -12.06
CA LEU A 127 9.93 3.59 -11.00
C LEU A 127 8.80 2.65 -11.33
N PRO A 128 9.04 1.36 -11.50
CA PRO A 128 7.95 0.43 -11.78
CA PRO A 128 7.95 0.43 -11.78
C PRO A 128 7.08 0.21 -10.55
N PHE A 129 5.79 0.01 -10.79
CA PHE A 129 4.85 -0.22 -9.70
C PHE A 129 5.25 -1.44 -8.87
N THR A 130 5.96 -2.41 -9.45
CA THR A 130 6.37 -3.57 -8.68
C THR A 130 7.24 -3.18 -7.48
N LYS A 131 7.93 -2.04 -7.55
CA LYS A 131 8.81 -1.62 -6.47
C LYS A 131 8.10 -0.88 -5.35
N SER A 132 6.84 -0.47 -5.56
CA SER A 132 6.10 0.26 -4.55
C SER A 132 4.94 -0.56 -3.97
N ALA A 133 4.98 -1.88 -4.17
CA ALA A 133 3.89 -2.75 -3.75
C ALA A 133 3.76 -2.82 -2.22
N HIS A 134 4.77 -2.38 -1.47
CA HIS A 134 4.71 -2.40 -0.02
C HIS A 134 4.19 -1.08 0.55
N LEU A 135 3.83 -0.11 -0.28
CA LEU A 135 3.38 1.20 0.16
C LEU A 135 1.88 1.35 -0.10
N THR A 136 1.15 1.70 0.95
CA THR A 136 -0.29 1.95 0.85
C THR A 136 -0.59 3.39 1.23
N ASN A 137 -1.66 3.92 0.64
CA ASN A 137 -2.02 5.33 0.81
C ASN A 137 -3.23 5.44 1.73
N PRO A 138 -3.05 5.94 2.95
CA PRO A 138 -4.21 6.09 3.86
C PRO A 138 -5.34 6.92 3.28
N TRP A 139 -5.05 7.85 2.38
CA TRP A 139 -6.11 8.68 1.83
C TRP A 139 -6.85 8.04 0.69
N ASN A 140 -6.48 6.82 0.32
CA ASN A 140 -7.25 6.03 -0.62
C ASN A 140 -7.46 4.62 -0.05
N GLU A 141 -8.01 4.57 1.17
CA GLU A 141 -8.44 3.30 1.78
C GLU A 141 -7.27 2.33 1.99
N HIS A 142 -6.05 2.84 2.15
CA HIS A 142 -4.85 2.02 2.29
C HIS A 142 -4.64 1.06 1.12
N LYS A 143 -5.15 1.42 -0.05
CA LYS A 143 -4.82 0.70 -1.26
C LYS A 143 -3.38 0.99 -1.68
N PRO A 144 -2.77 0.09 -2.44
CA PRO A 144 -1.42 0.36 -2.96
C PRO A 144 -1.34 1.74 -3.59
N VAL A 145 -0.22 2.42 -3.35
CA VAL A 145 -0.10 3.83 -3.74
C VAL A 145 -0.22 4.04 -5.24
N LYS A 146 0.11 3.02 -6.04
CA LYS A 146 -0.10 3.12 -7.49
C LYS A 146 -1.57 3.32 -7.85
N ILE A 147 -2.49 2.96 -6.96
CA ILE A 147 -3.92 3.05 -7.24
C ILE A 147 -4.44 4.42 -6.80
N GLY A 148 -5.11 5.11 -7.72
CA GLY A 148 -5.73 6.37 -7.38
C GLY A 148 -6.18 7.09 -8.63
N ARG A 149 -7.22 7.89 -8.51
CA ARG A 149 -7.61 8.75 -9.60
C ARG A 149 -6.61 9.89 -9.75
N ASP A 150 -6.59 10.51 -10.93
CA ASP A 150 -5.80 11.71 -11.15
C ASP A 150 -6.13 12.73 -10.08
N GLY A 151 -5.10 13.21 -9.40
CA GLY A 151 -5.26 14.18 -8.33
C GLY A 151 -5.38 13.61 -6.93
N GLN A 152 -5.39 12.29 -6.77
CA GLN A 152 -5.46 11.69 -5.45
C GLN A 152 -4.29 12.16 -4.59
N GLU A 153 -4.59 12.71 -3.42
CA GLU A 153 -3.52 13.06 -2.51
C GLU A 153 -2.93 11.81 -1.87
N ILE A 154 -1.61 11.81 -1.68
CA ILE A 154 -0.88 10.73 -1.02
C ILE A 154 -0.39 11.27 0.32
N GLU A 155 -0.75 10.59 1.42
CA GLU A 155 -0.36 11.02 2.76
CA GLU A 155 -0.35 11.06 2.74
C GLU A 155 1.17 11.10 2.87
N LEU A 156 1.63 12.04 3.71
CA LEU A 156 3.04 12.38 3.90
C LEU A 156 4.00 11.19 3.94
N GLU A 157 3.74 10.21 4.81
CA GLU A 157 4.72 9.14 4.99
C GLU A 157 4.82 8.27 3.75
N CYS A 158 3.69 7.83 3.22
CA CYS A 158 3.66 7.07 1.98
C CYS A 158 4.30 7.83 0.84
N GLY A 159 3.96 9.11 0.71
CA GLY A 159 4.52 9.91 -0.38
C GLY A 159 6.02 10.06 -0.26
N THR A 160 6.51 10.30 0.96
CA THR A 160 7.95 10.42 1.17
C THR A 160 8.65 9.12 0.81
N GLN A 161 8.14 7.99 1.31
CA GLN A 161 8.77 6.72 1.02
C GLN A 161 8.72 6.40 -0.47
N LEU A 162 7.61 6.74 -1.12
CA LEU A 162 7.52 6.49 -2.56
C LEU A 162 8.60 7.28 -3.31
N CYS A 163 8.74 8.56 -2.99
CA CYS A 163 9.75 9.37 -3.67
C CYS A 163 11.16 8.84 -3.42
N LEU A 164 11.43 8.36 -2.20
CA LEU A 164 12.75 7.84 -1.88
C LEU A 164 13.05 6.53 -2.60
N LEU A 165 12.03 5.84 -3.12
CA LEU A 165 12.27 4.62 -3.88
C LEU A 165 12.82 4.88 -5.28
N PHE A 166 12.57 6.05 -5.84
CA PHE A 166 13.01 6.32 -7.20
C PHE A 166 14.53 6.25 -7.27
N PRO A 167 15.08 5.82 -8.40
CA PRO A 167 16.52 5.91 -8.58
C PRO A 167 16.96 7.36 -8.47
N PRO A 168 18.10 7.63 -7.84
CA PRO A 168 18.60 8.99 -7.82
C PRO A 168 18.80 9.54 -9.23
N ASP A 169 18.44 10.80 -9.42
CA ASP A 169 18.61 11.47 -10.71
C ASP A 169 19.80 12.43 -10.57
N GLU A 170 20.96 11.97 -11.02
CA GLU A 170 22.19 12.73 -10.85
C GLU A 170 22.29 13.93 -11.76
N SER A 171 21.34 14.10 -12.68
CA SER A 171 21.34 15.30 -13.51
C SER A 171 20.74 16.51 -12.81
N ILE A 172 20.06 16.33 -11.69
CA ILE A 172 19.36 17.42 -11.02
C ILE A 172 20.13 17.85 -9.78
N ASP A 173 20.19 19.15 -9.55
CA ASP A 173 20.83 19.75 -8.38
C ASP A 173 19.71 20.43 -7.58
N LEU A 174 19.40 19.94 -6.38
CA LEU A 174 18.31 20.50 -5.59
CA LEU A 174 18.29 20.54 -5.64
C LEU A 174 18.66 21.79 -4.87
N TYR A 175 19.90 22.26 -4.96
CA TYR A 175 20.26 23.55 -4.37
C TYR A 175 19.30 24.65 -4.83
N GLN A 176 18.98 24.65 -6.13
CA GLN A 176 18.11 25.66 -6.72
C GLN A 176 16.69 25.54 -6.20
N VAL A 177 16.24 24.30 -5.95
CA VAL A 177 14.89 24.06 -5.42
C VAL A 177 14.79 24.58 -3.99
N ILE A 178 15.79 24.27 -3.18
CA ILE A 178 15.76 24.63 -1.77
C ILE A 178 15.61 26.13 -1.59
N HIS A 179 16.27 26.92 -2.44
CA HIS A 179 16.20 28.37 -2.31
C HIS A 179 14.80 28.92 -2.59
N LYS A 180 14.02 28.22 -3.42
CA LYS A 180 12.66 28.68 -3.71
C LYS A 180 11.71 28.47 -2.54
N MET A 181 12.10 27.64 -1.58
CA MET A 181 11.23 27.30 -0.47
C MET A 181 11.20 28.42 0.58
N GLY B 18 5.59 -27.51 -6.79
CA GLY B 18 5.30 -28.51 -5.80
C GLY B 18 5.14 -27.93 -4.41
N THR B 19 4.64 -28.73 -3.47
CA THR B 19 4.25 -28.23 -2.17
C THR B 19 5.19 -28.63 -1.03
N SER B 20 6.39 -29.14 -1.35
CA SER B 20 7.31 -29.56 -0.27
C SER B 20 7.65 -28.41 0.67
N LYS B 21 7.95 -27.22 0.13
CA LYS B 21 8.32 -26.09 0.98
C LYS B 21 7.18 -25.73 1.92
N LEU B 22 5.98 -25.56 1.39
CA LEU B 22 4.87 -25.13 2.24
C LEU B 22 4.52 -26.21 3.25
N LYS B 23 4.55 -27.48 2.84
CA LYS B 23 4.27 -28.54 3.80
C LYS B 23 5.29 -28.53 4.92
N TYR B 24 6.55 -28.23 4.61
CA TYR B 24 7.56 -28.14 5.66
C TYR B 24 7.25 -26.99 6.63
N VAL B 25 6.88 -25.84 6.09
CA VAL B 25 6.54 -24.70 6.94
C VAL B 25 5.38 -25.03 7.86
N LEU B 26 4.43 -25.83 7.38
CA LEU B 26 3.22 -26.15 8.13
C LEU B 26 3.31 -27.40 8.98
N GLN B 27 4.45 -28.11 8.98
CA GLN B 27 4.51 -29.45 9.59
C GLN B 27 4.13 -29.44 11.06
N ASP B 28 4.57 -28.43 11.80
CA ASP B 28 4.21 -28.29 13.21
C ASP B 28 3.63 -26.91 13.38
N ALA B 29 2.40 -26.74 12.92
CA ALA B 29 1.78 -25.43 12.91
C ALA B 29 0.50 -25.40 13.72
N ARG B 30 0.21 -24.22 14.24
CA ARG B 30 -1.11 -23.88 14.74
C ARG B 30 -1.71 -22.85 13.79
N PHE B 31 -3.04 -22.86 13.68
CA PHE B 31 -3.76 -22.08 12.70
C PHE B 31 -4.89 -21.33 13.38
N PHE B 32 -5.06 -20.05 13.04
CA PHE B 32 -6.12 -19.24 13.61
C PHE B 32 -6.83 -18.47 12.51
N LEU B 33 -8.15 -18.51 12.53
CA LEU B 33 -8.95 -17.67 11.68
C LEU B 33 -8.91 -16.24 12.20
N ILE B 34 -8.67 -15.29 11.32
CA ILE B 34 -8.65 -13.87 11.67
C ILE B 34 -9.73 -13.20 10.86
N LYS B 35 -10.68 -12.58 11.54
CA LYS B 35 -11.67 -11.76 10.86
C LYS B 35 -11.20 -10.31 10.80
N SER B 36 -11.61 -9.63 9.75
CA SER B 36 -11.43 -8.20 9.66
C SER B 36 -12.78 -7.61 9.30
N ASN B 37 -13.08 -6.45 9.89
CA ASN B 37 -14.33 -5.77 9.56
C ASN B 37 -14.27 -5.13 8.18
N ASN B 38 -13.09 -4.86 7.65
CA ASN B 38 -12.98 -4.14 6.39
C ASN B 38 -11.81 -4.66 5.57
N HIS B 39 -11.81 -4.30 4.29
CA HIS B 39 -10.67 -4.63 3.45
C HIS B 39 -9.48 -3.73 3.75
N GLU B 40 -9.72 -2.53 4.27
CA GLU B 40 -8.65 -1.54 4.43
CA GLU B 40 -8.65 -1.56 4.41
C GLU B 40 -7.55 -2.05 5.34
N ASN B 41 -7.93 -2.61 6.50
CA ASN B 41 -6.91 -3.07 7.43
C ASN B 41 -6.15 -4.28 6.89
N VAL B 42 -6.83 -5.12 6.08
CA VAL B 42 -6.14 -6.23 5.45
C VAL B 42 -5.14 -5.72 4.42
N SER B 43 -5.53 -4.70 3.64
CA SER B 43 -4.59 -4.12 2.68
CA SER B 43 -4.59 -4.12 2.68
C SER B 43 -3.37 -3.56 3.38
N LEU B 44 -3.58 -2.83 4.47
CA LEU B 44 -2.48 -2.30 5.25
C LEU B 44 -1.58 -3.42 5.75
N ALA B 45 -2.19 -4.47 6.32
CA ALA B 45 -1.45 -5.57 6.93
C ALA B 45 -0.68 -6.35 5.87
N LYS B 46 -1.26 -6.49 4.69
CA LYS B 46 -0.60 -7.21 3.60
C LYS B 46 0.67 -6.49 3.15
N ALA B 47 0.64 -5.16 3.12
CA ALA B 47 1.80 -4.41 2.63
C ALA B 47 2.88 -4.27 3.69
N LYS B 48 2.47 -4.08 4.93
CA LYS B 48 3.41 -3.77 6.01
CA LYS B 48 3.38 -3.76 6.03
C LYS B 48 3.85 -4.98 6.81
N GLY B 49 3.13 -6.10 6.70
CA GLY B 49 3.51 -7.30 7.44
C GLY B 49 3.24 -7.19 8.93
N VAL B 50 2.05 -6.73 9.30
CA VAL B 50 1.70 -6.53 10.70
C VAL B 50 0.24 -6.89 10.92
N TRP B 51 -0.09 -7.26 12.16
CA TRP B 51 -1.47 -7.40 12.58
C TRP B 51 -1.58 -7.07 14.07
N SER B 52 -2.75 -6.59 14.47
CA SER B 52 -3.05 -6.35 15.88
CA SER B 52 -3.06 -6.34 15.88
C SER B 52 -4.47 -6.83 16.15
N THR B 53 -4.69 -7.38 17.33
CA THR B 53 -5.99 -7.92 17.66
C THR B 53 -6.33 -7.56 19.10
N LEU B 54 -7.53 -7.96 19.53
CA LEU B 54 -8.00 -7.67 20.88
C LEU B 54 -7.32 -8.58 21.90
N PRO B 55 -7.39 -8.23 23.19
CA PRO B 55 -6.52 -8.89 24.18
C PRO B 55 -6.69 -10.40 24.29
N VAL B 56 -7.93 -10.92 24.21
CA VAL B 56 -8.11 -12.36 24.34
C VAL B 56 -7.34 -13.10 23.26
N ASN B 57 -7.45 -12.63 22.02
CA ASN B 57 -6.74 -13.29 20.93
C ASN B 57 -5.24 -12.97 20.93
N GLU B 58 -4.85 -11.77 21.38
CA GLU B 58 -3.43 -11.47 21.47
C GLU B 58 -2.73 -12.45 22.39
N LYS B 59 -3.34 -12.74 23.54
CA LYS B 59 -2.78 -13.69 24.48
C LYS B 59 -2.71 -15.09 23.88
N LYS B 60 -3.78 -15.50 23.20
CA LYS B 60 -3.79 -16.81 22.55
C LYS B 60 -2.67 -16.92 21.54
N LEU B 61 -2.47 -15.89 20.72
CA LEU B 61 -1.45 -15.94 19.68
C LEU B 61 -0.05 -15.93 20.27
N ASN B 62 0.18 -15.19 21.35
CA ASN B 62 1.50 -15.19 21.98
C ASN B 62 1.83 -16.55 22.55
N LEU B 63 0.87 -17.17 23.24
CA LEU B 63 1.07 -18.54 23.71
C LEU B 63 1.34 -19.48 22.54
N ALA B 64 0.59 -19.34 21.46
CA ALA B 64 0.77 -20.22 20.32
C ALA B 64 2.16 -20.05 19.72
N PHE B 65 2.65 -18.81 19.65
CA PHE B 65 3.95 -18.54 19.04
C PHE B 65 5.06 -19.34 19.73
N ARG B 66 4.96 -19.53 21.04
CA ARG B 66 5.96 -20.27 21.81
C ARG B 66 5.72 -21.77 21.82
N SER B 67 4.59 -22.24 21.32
CA SER B 67 4.23 -23.65 21.41
C SER B 67 4.37 -24.42 20.11
N ALA B 68 4.56 -23.73 18.98
CA ALA B 68 4.56 -24.39 17.70
C ALA B 68 5.63 -23.77 16.80
N ARG B 69 6.14 -24.58 15.88
CA ARG B 69 7.18 -24.08 14.98
C ARG B 69 6.65 -22.98 14.07
N SER B 70 5.36 -23.01 13.74
CA SER B 70 4.74 -21.97 12.93
C SER B 70 3.35 -21.68 13.46
N VAL B 71 3.00 -20.40 13.49
CA VAL B 71 1.64 -19.97 13.80
C VAL B 71 1.11 -19.23 12.59
N ILE B 72 0.01 -19.73 12.04
CA ILE B 72 -0.55 -19.25 10.80
C ILE B 72 -1.86 -18.52 11.07
N LEU B 73 -1.99 -17.32 10.51
CA LEU B 73 -3.21 -16.54 10.54
C LEU B 73 -3.85 -16.62 9.15
N ILE B 74 -5.11 -17.04 9.11
CA ILE B 74 -5.84 -17.17 7.85
C ILE B 74 -6.94 -16.11 7.88
N PHE B 75 -6.87 -15.16 6.97
CA PHE B 75 -7.67 -13.94 7.04
C PHE B 75 -8.96 -14.04 6.23
N SER B 76 -10.04 -13.53 6.80
CA SER B 76 -11.31 -13.41 6.09
C SER B 76 -12.00 -12.11 6.48
N VAL B 77 -12.29 -11.28 5.49
CA VAL B 77 -13.05 -10.05 5.70
C VAL B 77 -14.52 -10.42 5.86
N ARG B 78 -15.13 -9.91 6.93
CA ARG B 78 -16.52 -10.21 7.22
CA ARG B 78 -16.52 -10.22 7.22
C ARG B 78 -17.40 -9.89 6.02
N GLU B 79 -18.34 -10.79 5.74
CA GLU B 79 -19.32 -10.68 4.66
C GLU B 79 -18.72 -10.76 3.26
N SER B 80 -17.44 -11.10 3.12
CA SER B 80 -16.83 -11.12 1.80
C SER B 80 -17.00 -12.45 1.06
N GLY B 81 -17.36 -13.52 1.77
CA GLY B 81 -17.46 -14.82 1.13
C GLY B 81 -16.14 -15.46 0.75
N LYS B 82 -15.03 -14.93 1.26
CA LYS B 82 -13.72 -15.40 0.87
C LYS B 82 -12.74 -15.29 2.02
N PHE B 83 -11.64 -16.03 1.89
CA PHE B 83 -10.41 -15.74 2.61
C PHE B 83 -9.54 -14.87 1.71
N GLN B 84 -8.78 -13.96 2.32
CA GLN B 84 -7.94 -13.03 1.58
C GLN B 84 -6.46 -13.40 1.61
N GLY B 85 -6.09 -14.45 2.33
CA GLY B 85 -4.72 -14.90 2.33
C GLY B 85 -4.35 -15.47 3.70
N PHE B 86 -3.08 -15.82 3.85
CA PHE B 86 -2.60 -16.33 5.11
C PHE B 86 -1.14 -15.96 5.31
N ALA B 87 -0.75 -15.88 6.59
CA ALA B 87 0.53 -15.34 6.99
C ALA B 87 1.02 -16.10 8.21
N ARG B 88 2.33 -16.04 8.44
CA ARG B 88 2.96 -16.70 9.58
C ARG B 88 3.50 -15.66 10.56
N LEU B 89 3.19 -15.81 11.84
CA LEU B 89 3.80 -14.92 12.84
C LEU B 89 5.31 -15.04 12.81
N SER B 90 5.99 -13.90 12.78
CA SER B 90 7.43 -13.88 12.98
C SER B 90 7.83 -13.34 14.34
N SER B 91 6.86 -12.86 15.13
CA SER B 91 7.15 -12.36 16.46
C SER B 91 5.91 -12.55 17.33
N GLU B 92 6.13 -12.54 18.64
CA GLU B 92 5.04 -12.25 19.56
C GLU B 92 4.64 -10.79 19.40
N SER B 93 3.53 -10.42 20.02
CA SER B 93 3.13 -9.02 19.94
C SER B 93 4.12 -8.14 20.70
N HIS B 94 4.30 -6.92 20.20
CA HIS B 94 5.19 -5.98 20.87
C HIS B 94 4.58 -4.58 20.86
N HIS B 95 4.89 -3.82 21.90
CA HIS B 95 4.34 -2.50 22.12
C HIS B 95 5.43 -1.44 21.96
N GLY B 96 4.99 -0.20 21.76
CA GLY B 96 5.90 0.92 21.71
C GLY B 96 6.48 1.24 20.36
N GLY B 97 6.08 0.53 19.31
CA GLY B 97 6.50 0.86 17.96
C GLY B 97 5.73 2.06 17.42
N SER B 98 6.05 2.41 16.18
CA SER B 98 5.33 3.48 15.51
C SER B 98 3.87 3.07 15.34
N PRO B 99 2.91 3.89 15.76
CA PRO B 99 1.51 3.48 15.71
C PRO B 99 1.06 3.20 14.28
N ILE B 100 0.32 2.10 14.13
CA ILE B 100 -0.27 1.74 12.85
C ILE B 100 -1.64 2.39 12.74
N HIS B 101 -1.89 3.06 11.62
CA HIS B 101 -3.14 3.78 11.42
C HIS B 101 -4.22 2.87 10.84
N TRP B 102 -4.52 1.81 11.60
CA TRP B 102 -5.66 0.99 11.29
C TRP B 102 -6.89 1.89 11.23
N VAL B 103 -7.83 1.55 10.35
CA VAL B 103 -9.09 2.27 10.40
C VAL B 103 -9.84 1.71 11.60
N LEU B 104 -9.73 2.41 12.72
CA LEU B 104 -10.21 1.91 13.99
C LEU B 104 -11.73 1.76 13.93
N PRO B 105 -12.28 0.60 14.31
CA PRO B 105 -13.74 0.47 14.38
C PRO B 105 -14.32 1.46 15.38
N ALA B 106 -15.62 1.70 15.25
CA ALA B 106 -16.30 2.72 16.04
C ALA B 106 -16.21 2.38 17.52
N GLY B 107 -15.84 3.37 18.33
CA GLY B 107 -15.61 3.15 19.75
C GLY B 107 -14.31 2.47 20.09
N MET B 108 -13.62 1.86 19.13
CA MET B 108 -12.35 1.21 19.37
C MET B 108 -11.23 2.20 19.08
N SER B 109 -10.40 2.49 20.08
CA SER B 109 -9.23 3.34 19.94
C SER B 109 -8.00 2.49 19.68
N ALA B 110 -6.87 3.17 19.43
CA ALA B 110 -5.64 2.47 19.09
C ALA B 110 -5.23 1.48 20.18
N LYS B 111 -5.29 1.92 21.44
CA LYS B 111 -4.71 1.15 22.53
C LYS B 111 -5.47 -0.13 22.82
N MET B 112 -6.74 -0.23 22.40
CA MET B 112 -7.53 -1.44 22.65
C MET B 112 -7.02 -2.64 21.85
N LEU B 113 -6.08 -2.43 20.94
CA LEU B 113 -5.54 -3.46 20.07
C LEU B 113 -4.23 -4.01 20.58
N GLY B 114 -3.73 -3.52 21.72
CA GLY B 114 -2.54 -4.07 22.33
C GLY B 114 -1.34 -4.00 21.39
N GLY B 115 -0.59 -5.09 21.36
CA GLY B 115 0.66 -5.09 20.64
C GLY B 115 0.51 -5.39 19.16
N VAL B 116 1.62 -5.19 18.45
CA VAL B 116 1.71 -5.46 17.04
C VAL B 116 2.46 -6.76 16.85
N PHE B 117 1.87 -7.68 16.08
CA PHE B 117 2.54 -8.90 15.65
C PHE B 117 3.18 -8.62 14.30
N LYS B 118 4.45 -8.98 14.16
CA LYS B 118 5.05 -9.03 12.84
C LYS B 118 4.66 -10.34 12.17
N ILE B 119 4.26 -10.26 10.89
CA ILE B 119 3.83 -11.42 10.14
C ILE B 119 4.47 -11.42 8.75
N ASP B 120 4.78 -12.62 8.27
CA ASP B 120 5.25 -12.82 6.91
C ASP B 120 4.13 -13.48 6.11
N TRP B 121 3.62 -12.78 5.11
CA TRP B 121 2.58 -13.36 4.29
C TRP B 121 3.11 -14.53 3.47
N ILE B 122 2.31 -15.60 3.39
CA ILE B 122 2.64 -16.76 2.58
C ILE B 122 1.79 -16.75 1.31
N CYS B 123 0.56 -16.25 1.40
CA CYS B 123 -0.27 -16.07 0.22
C CYS B 123 -1.14 -14.85 0.46
N ARG B 124 -1.16 -13.93 -0.50
CA ARG B 124 -2.03 -12.76 -0.43
C ARG B 124 -3.16 -12.82 -1.44
N ARG B 125 -3.36 -13.97 -2.07
CA ARG B 125 -4.44 -14.18 -3.02
C ARG B 125 -5.67 -14.75 -2.33
N GLU B 126 -6.82 -14.51 -2.93
CA GLU B 126 -8.09 -14.91 -2.33
C GLU B 126 -8.38 -16.38 -2.57
N LEU B 127 -9.14 -16.94 -1.64
CA LEU B 127 -9.72 -18.28 -1.78
C LEU B 127 -11.20 -18.16 -1.46
N PRO B 128 -12.09 -18.31 -2.43
CA PRO B 128 -13.52 -18.24 -2.12
C PRO B 128 -13.95 -19.42 -1.25
N PHE B 129 -14.95 -19.16 -0.39
CA PHE B 129 -15.48 -20.23 0.46
C PHE B 129 -16.01 -21.40 -0.36
N THR B 130 -16.41 -21.16 -1.62
CA THR B 130 -16.83 -22.26 -2.48
C THR B 130 -15.74 -23.26 -2.78
N LYS B 131 -14.47 -22.95 -2.46
CA LYS B 131 -13.38 -23.90 -2.66
C LYS B 131 -12.98 -24.63 -1.39
N SER B 132 -13.53 -24.24 -0.23
CA SER B 132 -13.20 -24.90 1.03
C SER B 132 -14.41 -25.59 1.64
N ALA B 133 -15.48 -25.79 0.87
CA ALA B 133 -16.73 -26.27 1.41
C ALA B 133 -16.66 -27.69 1.91
N HIS B 134 -15.66 -28.46 1.48
CA HIS B 134 -15.48 -29.83 1.90
C HIS B 134 -14.68 -29.96 3.20
N LEU B 135 -14.14 -28.85 3.72
CA LEU B 135 -13.30 -28.89 4.90
C LEU B 135 -14.08 -28.44 6.13
N THR B 136 -14.04 -29.27 7.16
CA THR B 136 -14.69 -28.98 8.43
C THR B 136 -13.64 -29.01 9.54
N ASN B 137 -13.83 -28.16 10.55
CA ASN B 137 -12.86 -27.99 11.62
C ASN B 137 -13.29 -28.79 12.85
N PRO B 138 -12.56 -29.84 13.22
CA PRO B 138 -12.94 -30.62 14.41
CA PRO B 138 -12.97 -30.61 14.40
C PRO B 138 -12.98 -29.80 15.68
N TRP B 139 -12.20 -28.72 15.76
CA TRP B 139 -12.16 -27.90 16.95
C TRP B 139 -13.22 -26.81 16.96
N ASN B 140 -14.14 -26.83 15.99
CA ASN B 140 -15.34 -26.00 16.03
C ASN B 140 -16.55 -26.83 15.62
N GLU B 141 -16.75 -27.95 16.34
CA GLU B 141 -17.93 -28.79 16.18
CA GLU B 141 -17.93 -28.79 16.18
C GLU B 141 -18.06 -29.36 14.77
N HIS B 142 -16.94 -29.51 14.06
CA HIS B 142 -16.95 -30.08 12.72
C HIS B 142 -17.81 -29.27 11.76
N LYS B 143 -17.89 -27.95 12.01
CA LYS B 143 -18.52 -27.03 11.09
C LYS B 143 -17.56 -26.66 9.97
N PRO B 144 -18.07 -26.28 8.80
CA PRO B 144 -17.19 -25.86 7.72
C PRO B 144 -16.18 -24.81 8.19
N VAL B 145 -14.96 -24.93 7.70
CA VAL B 145 -13.85 -24.14 8.24
C VAL B 145 -14.05 -22.64 8.06
N LYS B 146 -14.88 -22.23 7.10
CA LYS B 146 -15.20 -20.81 6.94
C LYS B 146 -15.91 -20.24 8.16
N ILE B 147 -16.58 -21.09 8.93
CA ILE B 147 -17.38 -20.63 10.06
C ILE B 147 -16.48 -20.51 11.27
N GLY B 148 -16.48 -19.34 11.90
CA GLY B 148 -15.78 -19.17 13.15
C GLY B 148 -15.71 -17.73 13.59
N ARG B 149 -15.55 -17.51 14.89
CA ARG B 149 -15.31 -16.16 15.40
C ARG B 149 -13.86 -15.76 15.12
N ASP B 150 -13.60 -14.45 15.17
CA ASP B 150 -12.22 -13.97 15.12
C ASP B 150 -11.39 -14.71 16.17
N GLY B 151 -10.26 -15.26 15.72
CA GLY B 151 -9.40 -16.03 16.58
C GLY B 151 -9.69 -17.51 16.69
N GLN B 152 -10.73 -18.01 16.02
CA GLN B 152 -11.05 -19.43 16.12
C GLN B 152 -9.84 -20.27 15.72
N GLU B 153 -9.44 -21.20 16.58
CA GLU B 153 -8.32 -22.06 16.24
C GLU B 153 -8.76 -23.20 15.33
N ILE B 154 -7.96 -23.50 14.33
CA ILE B 154 -8.27 -24.54 13.35
C ILE B 154 -7.31 -25.70 13.57
N GLU B 155 -7.86 -26.90 13.70
CA GLU B 155 -7.06 -28.10 13.92
C GLU B 155 -6.04 -28.30 12.79
N LEU B 156 -4.91 -28.93 13.14
CA LEU B 156 -3.73 -29.06 12.28
C LEU B 156 -4.06 -29.51 10.86
N GLU B 157 -4.71 -30.67 10.70
CA GLU B 157 -4.88 -31.19 9.36
C GLU B 157 -5.85 -30.33 8.55
N CYS B 158 -6.92 -29.85 9.19
CA CYS B 158 -7.87 -29.00 8.47
C CYS B 158 -7.19 -27.71 8.05
N GLY B 159 -6.41 -27.11 8.96
CA GLY B 159 -5.72 -25.87 8.61
C GLY B 159 -4.69 -26.07 7.52
N THR B 160 -3.99 -27.20 7.55
CA THR B 160 -3.00 -27.51 6.52
C THR B 160 -3.68 -27.64 5.16
N GLN B 161 -4.77 -28.41 5.10
CA GLN B 161 -5.48 -28.57 3.84
C GLN B 161 -6.05 -27.26 3.35
N LEU B 162 -6.57 -26.43 4.27
CA LEU B 162 -7.06 -25.12 3.87
C LEU B 162 -5.97 -24.29 3.23
N CYS B 163 -4.80 -24.22 3.85
CA CYS B 163 -3.71 -23.43 3.28
C CYS B 163 -3.29 -23.98 1.93
N LEU B 164 -3.28 -25.31 1.77
CA LEU B 164 -2.89 -25.90 0.50
C LEU B 164 -3.87 -25.58 -0.62
N LEU B 165 -5.09 -25.15 -0.31
CA LEU B 165 -6.04 -24.81 -1.35
C LEU B 165 -5.73 -23.49 -2.04
N PHE B 166 -5.00 -22.59 -1.37
CA PHE B 166 -4.77 -21.28 -1.94
C PHE B 166 -3.90 -21.41 -3.19
N PRO B 167 -4.09 -20.54 -4.16
CA PRO B 167 -3.25 -20.57 -5.37
C PRO B 167 -1.85 -20.04 -5.08
N PRO B 168 -0.87 -20.35 -5.93
CA PRO B 168 0.49 -19.85 -5.70
C PRO B 168 0.56 -18.35 -5.90
N ASP B 169 1.30 -17.68 -5.01
CA ASP B 169 1.42 -16.23 -5.04
C ASP B 169 2.80 -15.87 -5.58
N GLU B 170 2.84 -15.31 -6.80
CA GLU B 170 4.09 -14.96 -7.45
C GLU B 170 4.83 -13.82 -6.77
N SER B 171 4.17 -13.11 -5.86
CA SER B 171 4.80 -12.01 -5.17
C SER B 171 5.56 -12.46 -3.92
N ILE B 172 5.45 -13.72 -3.53
CA ILE B 172 6.00 -14.20 -2.27
C ILE B 172 7.05 -15.25 -2.52
N ASP B 173 8.10 -15.21 -1.70
CA ASP B 173 9.19 -16.17 -1.72
C ASP B 173 9.29 -16.75 -0.31
N LEU B 174 9.06 -18.06 -0.17
CA LEU B 174 9.10 -18.69 1.15
C LEU B 174 10.49 -18.75 1.77
N TYR B 175 11.52 -18.32 1.05
CA TYR B 175 12.90 -18.48 1.53
C TYR B 175 13.09 -17.82 2.89
N GLN B 176 12.61 -16.59 3.07
CA GLN B 176 12.81 -15.91 4.35
C GLN B 176 12.14 -16.65 5.50
N VAL B 177 10.89 -17.10 5.31
CA VAL B 177 10.20 -17.84 6.35
C VAL B 177 10.97 -19.10 6.70
N ILE B 178 11.39 -19.85 5.68
CA ILE B 178 12.13 -21.09 5.93
C ILE B 178 13.37 -20.81 6.77
N HIS B 179 14.04 -19.69 6.53
CA HIS B 179 15.24 -19.37 7.31
C HIS B 179 14.90 -18.94 8.74
N LYS B 180 13.70 -18.38 8.95
CA LYS B 180 13.31 -17.92 10.28
C LYS B 180 12.92 -19.04 11.23
N MET B 181 12.64 -20.23 10.71
CA MET B 181 12.00 -21.26 11.52
C MET B 181 12.94 -21.93 12.51
N ARG B 182 14.13 -22.30 12.05
C01 PJH C . -1.65 17.76 -19.72
C03 PJH C . -3.68 16.35 -19.41
C04 PJH C . -4.96 16.12 -18.62
C05 PJH C . -5.00 16.46 -17.28
C07 PJH C . -7.18 15.76 -17.11
C08 PJH C . -7.21 15.40 -18.45
C09 PJH C . -6.07 15.58 -19.23
N02 PJH C . -2.88 17.47 -19.03
N06 PJH C . -6.09 16.27 -16.56
O10 PJH C . -3.35 15.60 -20.28
S SO4 D . 23.34 15.44 -0.49
S SO4 D . 23.09 15.53 -0.63
O1 SO4 D . 22.15 16.18 -0.91
O1 SO4 D . 22.96 15.24 -2.06
O2 SO4 D . 24.37 16.36 -0.04
O2 SO4 D . 24.25 16.38 -0.34
O3 SO4 D . 23.83 14.65 -1.64
O3 SO4 D . 23.18 14.27 0.11
O4 SO4 D . 22.97 14.54 0.59
O4 SO4 D . 21.88 16.20 -0.23
S SO4 E . -3.82 34.40 -14.09
O1 SO4 E . -2.91 34.82 -13.02
O2 SO4 E . -4.79 35.47 -14.35
O3 SO4 E . -3.05 34.14 -15.30
O4 SO4 E . -4.53 33.19 -13.69
S SO4 F . -8.41 13.07 -1.75
O1 SO4 F . -8.90 14.24 -1.01
O2 SO4 F . -9.28 12.85 -2.90
O3 SO4 F . -7.07 13.34 -2.26
O4 SO4 F . -8.45 11.88 -0.92
S SO4 G . -9.77 9.73 -13.30
S SO4 G . -8.29 7.78 -13.45
O1 SO4 G . -10.47 10.62 -12.39
O1 SO4 G . -7.78 9.13 -13.21
O2 SO4 G . -10.04 10.15 -14.68
O2 SO4 G . -8.15 7.43 -14.86
O3 SO4 G . -8.33 9.78 -13.04
O3 SO4 G . -7.53 6.83 -12.64
O4 SO4 G . -10.24 8.36 -13.11
O4 SO4 G . -9.70 7.74 -13.08
C01 PJH H . -6.15 -4.37 12.70
C03 PJH H . -8.37 -4.94 13.61
C04 PJH H . -9.14 -5.69 14.68
C05 PJH H . -8.61 -6.88 15.17
C07 PJH H . -10.37 -7.17 16.60
C08 PJH H . -10.96 -5.98 16.17
C09 PJH H . -10.34 -5.22 15.19
N02 PJH H . -6.96 -5.05 13.69
N06 PJH H . -9.22 -7.58 16.11
O10 PJH H . -8.91 -4.32 12.75
S SO4 I . -6.08 -12.46 -6.27
O1 SO4 I . -6.77 -12.52 -4.97
O2 SO4 I . -6.92 -11.82 -7.27
O3 SO4 I . -4.83 -11.71 -6.14
O4 SO4 I . -5.76 -13.82 -6.70
S SO4 J . -3.14 -18.73 -11.53
O1 SO4 J . -3.80 -17.43 -11.61
O2 SO4 J . -4.11 -19.78 -11.87
O3 SO4 J . -2.02 -18.77 -12.46
O4 SO4 J . -2.64 -18.96 -10.18
S SO4 K . -17.07 -12.60 15.13
S SO4 K . -15.95 -11.64 16.62
O1 SO4 K . -17.47 -12.69 16.53
O1 SO4 K . -16.88 -12.50 17.31
O2 SO4 K . -17.79 -11.50 14.50
O2 SO4 K . -16.65 -10.40 16.25
O3 SO4 K . -15.63 -12.37 15.05
O3 SO4 K . -14.83 -11.34 17.49
O4 SO4 K . -17.39 -13.85 14.45
O4 SO4 K . -15.49 -12.32 15.41
CL CL L . -3.97 -25.10 15.34
#